data_4FFN
#
_entry.id   4FFN
#
_cell.length_a   60.150
_cell.length_b   60.150
_cell.length_c   172.530
_cell.angle_alpha   90.00
_cell.angle_beta   90.00
_cell.angle_gamma   90.00
#
_symmetry.space_group_name_H-M   'P 43 21 2'
#
loop_
_entity.id
_entity.type
_entity.pdbx_description
1 polymer PylC
2 non-polymer D-ORNITHINE
3 non-polymer 'PHOSPHOAMINOPHOSPHONIC ACID-ADENYLATE ESTER'
4 non-polymer 'MAGNESIUM ION'
5 non-polymer "ADENOSINE-5'-TRIPHOSPHATE"
6 water water
#
_entity_poly.entity_id   1
_entity_poly.type   'polypeptide(L)'
_entity_poly.pdbx_seq_one_letter_code
;MKTICLVGGKLQGFEAAYLSKKAGMKVVLVDKNPQALIRNYADEFYCFDVIKEPEKLLELSKRVDAVLPVNENLACIEFL
NSIKEKFSCPVLFDFEAYRISRDKKKSKDYFKSIGVPTPQDRPSKPPYFVKPPCESSSVGARIIYDDKDLEGLEPDTLVE
EYVEGEVVSLEVVGDGSHFAVVKETLVHIDETYDCHMVTPLPANPLFRQISHDLAANLPLKGIMDVEAIFGPKGLRVIEI
DARFPSQTPTVVYYSSGINLIELLFRAFTDGVEEIRAIPENKYCIYEHLMFGENGVLIPVGEQVLSMGSDYGKFYEEPGI
EIFLCKGEYPVFTMVFWGKDREETGAKRCKGLSVLKERFGAVL
;
_entity_poly.pdbx_strand_id   A
#
loop_
_chem_comp.id
_chem_comp.type
_chem_comp.name
_chem_comp.formula
ANP non-polymer 'PHOSPHOAMINOPHOSPHONIC ACID-ADENYLATE ESTER' 'C10 H17 N6 O12 P3'
ATP non-polymer ADENOSINE-5'-TRIPHOSPHATE 'C10 H16 N5 O13 P3'
MG non-polymer 'MAGNESIUM ION' 'Mg 2'
#
# COMPACT_ATOMS: atom_id res chain seq x y z
N MET A 1 1.70 -7.21 25.06
CA MET A 1 1.19 -6.31 23.99
C MET A 1 2.32 -5.41 23.48
N LYS A 2 2.42 -5.33 22.16
CA LYS A 2 3.40 -4.47 21.55
C LYS A 2 2.77 -3.14 21.16
N THR A 3 3.58 -2.09 21.14
CA THR A 3 3.14 -0.81 20.67
C THR A 3 3.96 -0.39 19.46
N ILE A 4 3.24 -0.09 18.38
CA ILE A 4 3.83 0.42 17.17
C ILE A 4 3.53 1.93 17.06
N CYS A 5 4.56 2.71 16.74
CA CYS A 5 4.38 4.15 16.49
C CYS A 5 4.42 4.38 14.99
N LEU A 6 3.36 4.95 14.44
CA LEU A 6 3.30 5.20 13.00
C LEU A 6 3.58 6.67 12.75
N VAL A 7 4.48 6.94 11.81
CA VAL A 7 4.70 8.30 11.35
C VAL A 7 4.02 8.50 10.00
N GLY A 8 2.82 9.06 10.07
CA GLY A 8 1.94 9.17 8.91
C GLY A 8 0.55 8.61 9.16
N GLY A 9 -0.43 9.48 8.99
CA GLY A 9 -1.82 9.18 9.29
C GLY A 9 -2.79 9.11 8.13
N LYS A 10 -2.32 8.75 6.95
CA LYS A 10 -3.26 8.63 5.85
C LYS A 10 -3.54 7.17 5.51
N LEU A 11 -3.35 6.81 4.24
CA LEU A 11 -3.71 5.47 3.74
C LEU A 11 -2.69 4.40 4.08
N GLN A 12 -1.41 4.71 3.88
CA GLN A 12 -0.36 3.85 4.39
C GLN A 12 -0.62 3.63 5.86
N GLY A 13 -0.80 4.71 6.61
CA GLY A 13 -1.03 4.64 8.06
C GLY A 13 -2.23 3.81 8.48
N PHE A 14 -3.33 3.96 7.75
CA PHE A 14 -4.52 3.19 8.02
C PHE A 14 -4.24 1.69 7.93
N GLU A 15 -3.59 1.29 6.84
CA GLU A 15 -3.31 -0.10 6.57
C GLU A 15 -2.43 -0.72 7.64
N ALA A 16 -1.32 -0.05 7.95
CA ALA A 16 -0.47 -0.43 9.08
C ALA A 16 -1.29 -0.48 10.37
N ALA A 17 -2.13 0.52 10.59
CA ALA A 17 -2.87 0.57 11.83
C ALA A 17 -3.84 -0.60 11.87
N TYR A 18 -4.57 -0.75 10.77
CA TYR A 18 -5.52 -1.82 10.63
C TYR A 18 -4.87 -3.17 10.94
N LEU A 19 -3.74 -3.45 10.30
CA LEU A 19 -3.00 -4.71 10.55
C LEU A 19 -2.33 -4.83 11.92
N SER A 20 -1.93 -3.72 12.51
CA SER A 20 -1.40 -3.79 13.87
C SER A 20 -2.49 -4.23 14.85
N LYS A 21 -3.72 -3.80 14.59
CA LYS A 21 -4.79 -4.12 15.49
C LYS A 21 -5.15 -5.59 15.38
N LYS A 22 -5.05 -6.14 14.16
CA LYS A 22 -5.28 -7.58 13.96
C LYS A 22 -4.22 -8.38 14.68
N ALA A 23 -3.01 -7.83 14.79
CA ALA A 23 -1.95 -8.49 15.55
C ALA A 23 -2.07 -8.11 17.02
N GLY A 24 -3.08 -7.30 17.32
CA GLY A 24 -3.38 -6.90 18.69
C GLY A 24 -2.28 -6.06 19.31
N MET A 25 -1.66 -5.19 18.51
CA MET A 25 -0.72 -4.20 19.02
C MET A 25 -1.46 -2.89 19.28
N LYS A 26 -0.96 -2.11 20.23
CA LYS A 26 -1.46 -0.75 20.42
C LYS A 26 -0.82 0.13 19.35
N VAL A 27 -1.58 1.09 18.86
CA VAL A 27 -1.17 1.86 17.71
C VAL A 27 -1.06 3.31 18.09
N VAL A 28 0.14 3.88 17.99
CA VAL A 28 0.36 5.28 18.32
C VAL A 28 0.66 6.01 17.04
N LEU A 29 -0.06 7.10 16.77
CA LEU A 29 0.14 7.85 15.54
C LEU A 29 0.74 9.23 15.78
N VAL A 30 1.73 9.55 14.98
CA VAL A 30 2.31 10.86 14.94
C VAL A 30 2.00 11.40 13.56
N ASP A 31 1.49 12.63 13.51
CA ASP A 31 1.20 13.29 12.24
C ASP A 31 1.15 14.79 12.50
N LYS A 32 1.67 15.57 11.56
CA LYS A 32 1.75 17.04 11.71
C LYS A 32 0.40 17.69 11.43
N ASN A 33 -0.54 16.91 10.91
CA ASN A 33 -1.86 17.44 10.56
C ASN A 33 -2.87 17.13 11.69
N PRO A 34 -3.47 18.18 12.29
CA PRO A 34 -4.44 18.00 13.38
C PRO A 34 -5.66 17.26 12.88
N GLN A 35 -5.91 17.39 11.58
CA GLN A 35 -6.98 16.64 10.95
C GLN A 35 -6.48 15.38 10.25
N ALA A 36 -5.33 14.84 10.67
CA ALA A 36 -4.88 13.53 10.15
C ALA A 36 -6.04 12.53 9.96
N LEU A 37 -6.13 11.96 8.77
CA LEU A 37 -7.23 11.06 8.37
C LEU A 37 -7.65 9.99 9.40
N ILE A 38 -6.66 9.33 10.02
CA ILE A 38 -6.92 8.17 10.90
C ILE A 38 -6.73 8.54 12.38
N ARG A 39 -6.78 9.85 12.64
CA ARG A 39 -6.48 10.38 13.95
C ARG A 39 -7.32 9.75 15.06
N ASN A 40 -8.56 9.37 14.76
CA ASN A 40 -9.46 8.75 15.73
C ASN A 40 -9.42 7.23 15.65
N TYR A 41 -8.74 6.71 14.63
CA TYR A 41 -8.65 5.27 14.47
C TYR A 41 -7.51 4.73 15.32
N ALA A 42 -6.41 5.47 15.37
CA ALA A 42 -5.30 5.13 16.26
C ALA A 42 -5.67 5.16 17.76
N ASP A 43 -5.07 4.26 18.53
CA ASP A 43 -5.21 4.29 19.99
C ASP A 43 -4.75 5.60 20.67
N GLU A 44 -3.66 6.17 20.19
CA GLU A 44 -3.11 7.42 20.71
C GLU A 44 -2.71 8.26 19.53
N PHE A 45 -2.82 9.58 19.64
CA PHE A 45 -2.47 10.45 18.52
C PHE A 45 -1.67 11.67 18.98
N TYR A 46 -0.44 11.79 18.51
CA TYR A 46 0.38 12.96 18.81
C TYR A 46 0.55 13.81 17.57
N CYS A 47 0.09 15.06 17.66
CA CYS A 47 0.11 15.94 16.53
C CYS A 47 1.35 16.80 16.57
N PHE A 48 2.36 16.42 15.79
CA PHE A 48 3.56 17.25 15.64
C PHE A 48 4.34 16.88 14.39
N ASP A 49 5.07 17.85 13.86
CA ASP A 49 5.96 17.57 12.76
C ASP A 49 7.28 17.03 13.29
N VAL A 50 7.71 15.86 12.79
CA VAL A 50 8.87 15.16 13.37
C VAL A 50 10.20 15.83 13.04
N ILE A 51 10.25 16.52 11.90
CA ILE A 51 11.39 17.35 11.50
C ILE A 51 11.53 18.56 12.43
N LYS A 52 10.41 19.18 12.79
CA LYS A 52 10.42 20.32 13.71
C LYS A 52 10.68 19.95 15.17
N GLU A 53 10.18 18.79 15.60
CA GLU A 53 10.25 18.42 17.00
C GLU A 53 10.74 17.00 17.13
N PRO A 54 11.98 16.75 16.65
CA PRO A 54 12.50 15.40 16.58
C PRO A 54 12.54 14.78 17.96
N GLU A 55 12.79 15.59 18.97
CA GLU A 55 12.92 15.09 20.33
C GLU A 55 11.66 14.36 20.83
N LYS A 56 10.48 14.86 20.48
CA LYS A 56 9.24 14.19 20.88
C LYS A 56 9.22 12.76 20.36
N LEU A 57 9.74 12.57 19.15
CA LEU A 57 9.66 11.28 18.51
C LEU A 57 10.65 10.34 19.14
N LEU A 58 11.88 10.81 19.35
CA LEU A 58 12.92 10.01 19.99
C LEU A 58 12.42 9.57 21.36
N GLU A 59 11.70 10.48 22.01
CA GLU A 59 11.10 10.18 23.29
C GLU A 59 10.03 9.10 23.20
N LEU A 60 9.08 9.27 22.29
CA LEU A 60 8.11 8.23 22.01
C LEU A 60 8.79 6.88 21.79
N SER A 61 9.96 6.96 21.17
CA SER A 61 10.72 5.82 20.73
C SER A 61 11.23 5.05 21.93
N LYS A 62 11.41 5.75 23.05
CA LYS A 62 11.78 5.06 24.26
C LYS A 62 10.60 4.29 24.81
N ARG A 63 9.39 4.59 24.35
CA ARG A 63 8.26 3.89 24.93
C ARG A 63 7.46 3.03 23.94
N VAL A 64 8.02 2.81 22.76
CA VAL A 64 7.34 1.88 21.84
C VAL A 64 8.25 0.74 21.40
N ASP A 65 7.67 -0.28 20.79
CA ASP A 65 8.46 -1.41 20.32
C ASP A 65 9.08 -1.21 18.94
N ALA A 66 8.58 -0.24 18.18
CA ALA A 66 9.01 -0.02 16.81
C ALA A 66 8.41 1.27 16.28
N VAL A 67 9.17 1.93 15.40
CA VAL A 67 8.65 3.08 14.65
C VAL A 67 8.52 2.76 13.17
N LEU A 68 7.32 2.87 12.65
CA LEU A 68 7.11 2.65 11.24
C LEU A 68 6.81 3.97 10.53
N PRO A 69 7.72 4.41 9.64
CA PRO A 69 7.35 5.54 8.80
C PRO A 69 6.28 5.07 7.82
N VAL A 70 5.18 5.81 7.70
CA VAL A 70 4.19 5.51 6.65
C VAL A 70 3.78 6.83 5.99
N ASN A 71 4.70 7.43 5.26
CA ASN A 71 4.43 8.60 4.46
C ASN A 71 5.47 8.58 3.38
N GLU A 72 5.30 9.47 2.40
CA GLU A 72 6.11 9.48 1.19
C GLU A 72 6.59 10.91 1.01
N ASN A 73 6.62 11.61 2.14
CA ASN A 73 7.18 12.93 2.18
C ASN A 73 8.69 12.81 2.31
N LEU A 74 9.36 13.13 1.21
CA LEU A 74 10.80 12.90 1.09
C LEU A 74 11.61 13.72 2.09
N ALA A 75 11.17 14.92 2.41
CA ALA A 75 11.81 15.62 3.51
C ALA A 75 11.71 14.79 4.80
N CYS A 76 10.57 14.13 5.02
CA CYS A 76 10.38 13.44 6.28
C CYS A 76 11.36 12.27 6.31
N ILE A 77 11.32 11.48 5.24
CA ILE A 77 12.16 10.31 5.12
C ILE A 77 13.67 10.58 5.23
N GLU A 78 14.12 11.67 4.62
CA GLU A 78 15.54 11.93 4.58
C GLU A 78 15.90 12.36 5.97
N PHE A 79 15.01 13.14 6.56
CA PHE A 79 15.22 13.58 7.91
C PHE A 79 15.29 12.40 8.87
N LEU A 80 14.32 11.51 8.78
CA LEU A 80 14.33 10.31 9.61
C LEU A 80 15.64 9.57 9.41
N ASN A 81 16.09 9.45 8.16
CA ASN A 81 17.37 8.80 7.87
C ASN A 81 18.56 9.39 8.60
N SER A 82 18.57 10.71 8.73
CA SER A 82 19.72 11.38 9.31
C SER A 82 19.77 11.20 10.83
N ILE A 83 18.64 10.83 11.45
CA ILE A 83 18.55 10.64 12.91
C ILE A 83 18.19 9.21 13.32
N LYS A 84 18.13 8.29 12.36
CA LYS A 84 17.66 6.96 12.71
C LYS A 84 18.49 6.27 13.80
N GLU A 85 19.80 6.44 13.77
CA GLU A 85 20.67 5.83 14.75
C GLU A 85 20.40 6.26 16.21
N LYS A 86 19.50 7.21 16.44
CA LYS A 86 19.21 7.64 17.82
C LYS A 86 17.94 7.07 18.44
N PHE A 87 17.15 6.37 17.64
CA PHE A 87 15.94 5.76 18.14
C PHE A 87 16.34 4.68 19.13
N SER A 88 15.51 4.48 20.15
CA SER A 88 15.68 3.38 21.10
C SER A 88 14.81 2.17 20.72
N CYS A 89 14.40 2.10 19.46
CA CYS A 89 13.67 0.96 19.00
C CYS A 89 14.00 0.83 17.53
N PRO A 90 13.71 -0.34 16.91
CA PRO A 90 13.94 -0.52 15.47
C PRO A 90 13.15 0.49 14.66
N VAL A 91 13.66 0.88 13.50
CA VAL A 91 12.92 1.71 12.59
C VAL A 91 12.69 0.79 11.41
N LEU A 92 11.43 0.48 11.14
CA LEU A 92 11.09 -0.56 10.18
C LEU A 92 11.06 0.05 8.81
N PHE A 93 12.24 0.33 8.27
CA PHE A 93 12.35 0.99 6.97
C PHE A 93 13.72 0.68 6.37
N ASP A 94 13.75 0.55 5.05
CA ASP A 94 14.99 0.44 4.30
C ASP A 94 15.19 1.71 3.45
N PHE A 95 16.07 2.60 3.91
CA PHE A 95 16.24 3.95 3.30
C PHE A 95 16.90 3.98 1.93
N GLU A 96 17.93 3.15 1.75
CA GLU A 96 18.59 2.92 0.46
C GLU A 96 17.63 2.32 -0.59
N ALA A 97 16.86 1.30 -0.19
CA ALA A 97 15.82 0.75 -1.05
C ALA A 97 14.78 1.82 -1.43
N TYR A 98 14.39 2.63 -0.45
CA TYR A 98 13.46 3.70 -0.73
C TYR A 98 14.05 4.67 -1.75
N ARG A 99 15.33 4.98 -1.59
CA ARG A 99 16.00 5.87 -2.53
C ARG A 99 15.91 5.39 -3.99
N ILE A 100 16.07 4.11 -4.24
CA ILE A 100 15.92 3.64 -5.61
C ILE A 100 14.44 3.63 -6.00
N SER A 101 13.59 3.22 -5.07
CA SER A 101 12.20 2.94 -5.42
C SER A 101 11.35 4.18 -5.72
N ARG A 102 11.56 5.28 -5.00
CA ARG A 102 10.77 6.48 -5.24
C ARG A 102 11.08 7.11 -6.59
N ASP A 103 12.25 6.84 -7.16
CA ASP A 103 12.56 7.41 -8.46
C ASP A 103 12.32 6.36 -9.54
N LYS A 104 11.30 6.57 -10.37
CA LYS A 104 10.92 5.56 -11.37
C LYS A 104 11.98 5.23 -12.44
N LYS A 105 12.74 6.23 -12.89
CA LYS A 105 13.84 6.03 -13.84
C LYS A 105 14.96 5.22 -13.21
N LYS A 106 15.31 5.58 -11.98
CA LYS A 106 16.31 4.85 -11.22
C LYS A 106 15.86 3.41 -11.03
N SER A 107 14.61 3.22 -10.60
CA SER A 107 14.03 1.87 -10.51
C SER A 107 14.14 1.16 -11.84
N LYS A 108 14.01 1.88 -12.94
CA LYS A 108 14.15 1.16 -14.20
C LYS A 108 15.60 0.81 -14.52
N ASP A 109 16.53 1.70 -14.18
CA ASP A 109 17.92 1.29 -14.32
C ASP A 109 18.17 0.03 -13.49
N TYR A 110 17.67 0.03 -12.26
CA TYR A 110 17.83 -1.14 -11.41
C TYR A 110 17.24 -2.40 -12.08
N PHE A 111 16.04 -2.31 -12.64
CA PHE A 111 15.44 -3.49 -13.29
C PHE A 111 16.36 -4.02 -14.38
N LYS A 112 16.85 -3.10 -15.21
CA LYS A 112 17.72 -3.48 -16.32
C LYS A 112 19.01 -4.12 -15.85
N SER A 113 19.59 -3.58 -14.77
CA SER A 113 20.91 -4.07 -14.36
C SER A 113 20.81 -5.49 -13.83
N ILE A 114 19.63 -5.92 -13.43
CA ILE A 114 19.50 -7.33 -13.06
C ILE A 114 18.70 -8.20 -14.02
N GLY A 115 18.50 -7.71 -15.24
CA GLY A 115 17.81 -8.48 -16.30
C GLY A 115 16.31 -8.65 -16.19
N VAL A 116 15.63 -7.70 -15.55
CA VAL A 116 14.20 -7.81 -15.38
C VAL A 116 13.55 -6.89 -16.40
N PRO A 117 12.66 -7.47 -17.25
CA PRO A 117 11.89 -6.77 -18.29
C PRO A 117 10.98 -5.66 -17.76
N THR A 118 10.88 -4.58 -18.51
CA THR A 118 10.26 -3.37 -18.03
C THR A 118 9.83 -2.62 -19.29
N PRO A 119 8.74 -1.84 -19.21
CA PRO A 119 8.29 -1.18 -20.44
C PRO A 119 9.42 -0.43 -21.13
N GLN A 120 9.45 -0.48 -22.45
CA GLN A 120 10.48 0.18 -23.23
C GLN A 120 10.33 1.70 -23.18
N ASP A 121 11.43 2.42 -22.97
CA ASP A 121 11.32 3.86 -22.94
C ASP A 121 11.11 4.48 -24.32
N ARG A 122 10.62 5.72 -24.29
CA ARG A 122 10.52 6.59 -25.46
C ARG A 122 10.20 5.87 -26.75
N PRO A 123 9.11 5.08 -26.79
CA PRO A 123 8.81 4.47 -28.07
C PRO A 123 8.32 5.54 -29.03
N SER A 124 8.21 5.18 -30.30
CA SER A 124 7.83 6.16 -31.29
C SER A 124 6.35 6.01 -31.59
N LYS A 125 5.81 4.83 -31.33
CA LYS A 125 4.47 4.55 -31.76
C LYS A 125 3.47 4.84 -30.66
N PRO A 126 2.44 5.66 -30.93
CA PRO A 126 1.43 5.78 -29.90
C PRO A 126 0.74 4.43 -29.72
N PRO A 127 0.24 4.14 -28.51
CA PRO A 127 0.15 5.07 -27.41
C PRO A 127 1.37 5.06 -26.50
N TYR A 128 1.55 6.14 -25.76
CA TYR A 128 2.60 6.24 -24.76
C TYR A 128 1.94 6.27 -23.42
N PHE A 129 2.49 5.53 -22.47
CA PHE A 129 2.09 5.77 -21.12
C PHE A 129 3.06 6.79 -20.57
N VAL A 130 2.51 7.86 -20.02
CA VAL A 130 3.32 8.90 -19.42
C VAL A 130 2.91 9.18 -17.98
N LYS A 131 3.91 9.41 -17.14
CA LYS A 131 3.69 9.57 -15.71
C LYS A 131 4.90 10.25 -15.10
N PRO A 132 4.71 11.02 -14.02
CA PRO A 132 5.83 11.66 -13.33
C PRO A 132 6.88 10.65 -12.84
N PRO A 133 8.09 11.13 -12.49
CA PRO A 133 9.12 10.20 -12.02
C PRO A 133 8.98 9.63 -10.60
N CYS A 134 8.43 10.43 -9.68
CA CYS A 134 8.50 10.12 -8.25
C CYS A 134 7.20 10.38 -7.51
N GLU A 135 6.12 9.82 -8.03
CA GLU A 135 4.81 9.95 -7.41
C GLU A 135 4.31 8.56 -7.03
N SER A 136 3.09 8.52 -6.49
CA SER A 136 2.39 7.27 -6.24
C SER A 136 0.89 7.47 -6.42
N SER A 137 0.11 6.43 -6.11
CA SER A 137 -1.34 6.51 -6.27
C SER A 137 -1.72 6.86 -7.73
N SER A 138 -0.75 6.73 -8.64
CA SER A 138 -0.91 7.10 -10.07
C SER A 138 -1.23 8.56 -10.29
N VAL A 139 -0.78 9.42 -9.38
CA VAL A 139 -0.89 10.85 -9.59
C VAL A 139 -0.10 11.22 -10.86
N GLY A 140 -0.78 11.85 -11.80
CA GLY A 140 -0.18 12.20 -13.09
C GLY A 140 -0.12 11.10 -14.15
N ALA A 141 -0.33 9.85 -13.77
CA ALA A 141 -0.34 8.76 -14.76
C ALA A 141 -1.35 9.06 -15.85
N ARG A 142 -0.93 8.99 -17.11
CA ARG A 142 -1.84 9.24 -18.22
C ARG A 142 -1.47 8.50 -19.49
N ILE A 143 -2.49 8.16 -20.27
CA ILE A 143 -2.29 7.57 -21.58
C ILE A 143 -2.22 8.74 -22.54
N ILE A 144 -1.42 8.62 -23.59
CA ILE A 144 -1.37 9.64 -24.64
C ILE A 144 -1.48 8.97 -26.02
N TYR A 145 -2.21 9.61 -26.92
CA TYR A 145 -2.41 9.08 -28.26
C TYR A 145 -1.79 9.98 -29.31
N GLY A 152 3.87 19.19 -24.24
CA GLY A 152 5.15 19.47 -23.59
C GLY A 152 5.16 19.08 -22.12
N LEU A 153 5.39 17.80 -21.85
CA LEU A 153 5.50 17.30 -20.48
C LEU A 153 6.77 17.90 -19.87
N GLU A 154 7.43 17.19 -18.98
CA GLU A 154 8.73 17.68 -18.51
C GLU A 154 9.94 16.96 -19.12
N PRO A 155 11.16 17.48 -18.90
CA PRO A 155 12.27 16.74 -19.46
C PRO A 155 12.38 15.42 -18.74
N ASP A 156 11.78 15.38 -17.55
CA ASP A 156 11.92 14.24 -16.67
C ASP A 156 10.71 13.33 -16.53
N THR A 157 9.59 13.72 -17.15
CA THR A 157 8.44 12.82 -17.27
C THR A 157 8.91 11.51 -17.88
N LEU A 158 8.38 10.42 -17.37
CA LEU A 158 8.64 9.13 -17.94
C LEU A 158 7.63 8.94 -19.06
N VAL A 159 8.13 8.60 -20.25
CA VAL A 159 7.34 8.23 -21.42
C VAL A 159 7.67 6.76 -21.67
N GLU A 160 6.66 5.89 -21.66
CA GLU A 160 6.84 4.46 -21.86
C GLU A 160 5.92 3.92 -22.90
N GLU A 161 6.26 2.74 -23.40
CA GLU A 161 5.30 1.98 -24.16
C GLU A 161 4.12 1.68 -23.26
N TYR A 162 2.93 1.75 -23.83
CA TYR A 162 1.72 1.40 -23.14
C TYR A 162 1.62 -0.11 -23.13
N VAL A 163 1.58 -0.70 -21.95
CA VAL A 163 1.55 -2.16 -21.82
C VAL A 163 0.19 -2.56 -21.30
N GLU A 164 -0.58 -3.21 -22.17
CA GLU A 164 -1.91 -3.66 -21.82
C GLU A 164 -1.87 -4.98 -21.11
N GLY A 165 -2.83 -5.18 -20.23
CA GLY A 165 -2.95 -6.41 -19.49
C GLY A 165 -3.08 -6.09 -18.03
N GLU A 166 -3.20 -7.13 -17.22
CA GLU A 166 -3.48 -6.96 -15.82
C GLU A 166 -2.32 -6.38 -15.02
N VAL A 167 -2.66 -5.50 -14.07
CA VAL A 167 -1.73 -4.99 -13.08
C VAL A 167 -1.70 -5.91 -11.86
N VAL A 168 -0.51 -6.29 -11.44
CA VAL A 168 -0.37 -7.34 -10.44
C VAL A 168 0.64 -6.92 -9.40
N SER A 169 0.43 -7.34 -8.16
CA SER A 169 1.27 -6.86 -7.09
C SER A 169 1.72 -8.00 -6.21
N LEU A 170 2.97 -7.89 -5.76
CA LEU A 170 3.57 -8.78 -4.79
C LEU A 170 4.33 -7.96 -3.76
N GLU A 171 4.11 -8.21 -2.47
CA GLU A 171 4.96 -7.63 -1.42
C GLU A 171 6.07 -8.61 -1.06
N VAL A 172 7.25 -8.08 -0.76
CA VAL A 172 8.38 -8.87 -0.25
C VAL A 172 8.81 -8.24 1.08
N VAL A 173 9.00 -9.09 2.08
CA VAL A 173 9.63 -8.65 3.31
C VAL A 173 11.00 -9.30 3.38
N GLY A 174 12.03 -8.46 3.47
CA GLY A 174 13.39 -8.95 3.66
C GLY A 174 13.99 -8.55 4.99
N ASP A 175 14.95 -9.34 5.45
CA ASP A 175 15.66 -9.03 6.68
C ASP A 175 17.12 -8.83 6.39
N GLY A 176 17.45 -8.65 5.12
CA GLY A 176 18.83 -8.45 4.69
C GLY A 176 19.42 -9.73 4.12
N SER A 177 18.95 -10.86 4.62
CA SER A 177 19.47 -12.16 4.23
C SER A 177 18.46 -13.03 3.53
N HIS A 178 17.23 -13.01 4.03
CA HIS A 178 16.19 -13.85 3.46
C HIS A 178 15.06 -12.98 3.04
N PHE A 179 14.42 -13.38 1.96
CA PHE A 179 13.45 -12.53 1.34
C PHE A 179 12.21 -13.37 1.19
N ALA A 180 11.16 -12.93 1.88
CA ALA A 180 9.89 -13.62 1.92
C ALA A 180 8.93 -12.93 0.97
N VAL A 181 8.67 -13.61 -0.15
CA VAL A 181 7.70 -13.21 -1.17
C VAL A 181 6.31 -13.71 -0.75
N VAL A 182 5.35 -12.82 -0.67
CA VAL A 182 4.12 -13.20 0.00
C VAL A 182 3.02 -13.56 -0.99
N LYS A 183 2.09 -12.66 -1.24
CA LYS A 183 0.91 -13.08 -1.98
C LYS A 183 0.54 -12.16 -3.14
N GLU A 184 0.34 -12.75 -4.31
CA GLU A 184 -0.02 -12.01 -5.52
C GLU A 184 -1.41 -11.42 -5.44
N THR A 185 -1.56 -10.17 -5.86
CA THR A 185 -2.89 -9.58 -5.90
C THR A 185 -3.16 -8.85 -7.21
N LEU A 186 -4.44 -8.75 -7.51
CA LEU A 186 -4.88 -8.09 -8.72
C LEU A 186 -5.33 -6.69 -8.35
N VAL A 187 -4.75 -5.73 -9.06
CA VAL A 187 -4.96 -4.32 -8.84
C VAL A 187 -5.95 -3.81 -9.87
N HIS A 188 -7.19 -3.55 -9.44
CA HIS A 188 -8.21 -3.05 -10.37
C HIS A 188 -8.16 -1.55 -10.39
N ILE A 189 -8.05 -1.00 -11.60
CA ILE A 189 -7.73 0.41 -11.81
C ILE A 189 -8.93 1.14 -12.39
N ASP A 190 -9.06 2.42 -12.09
CA ASP A 190 -10.16 3.15 -12.70
C ASP A 190 -9.66 4.06 -13.81
N GLU A 191 -10.57 4.83 -14.38
CA GLU A 191 -10.26 5.77 -15.46
C GLU A 191 -9.13 6.74 -15.15
N THR A 192 -8.74 6.84 -13.88
CA THR A 192 -7.66 7.73 -13.53
C THR A 192 -6.38 6.95 -13.27
N TYR A 193 -6.43 5.66 -13.61
CA TYR A 193 -5.35 4.71 -13.32
C TYR A 193 -5.09 4.56 -11.84
N ASP A 194 -6.08 4.95 -11.06
CA ASP A 194 -6.08 4.73 -9.62
C ASP A 194 -6.69 3.36 -9.28
N CYS A 195 -6.37 2.89 -8.08
CA CYS A 195 -6.84 1.58 -7.68
C CYS A 195 -8.05 1.69 -6.78
N HIS A 196 -9.15 1.12 -7.26
CA HIS A 196 -10.45 1.15 -6.61
C HIS A 196 -10.84 -0.20 -6.08
N MET A 197 -10.09 -1.26 -6.43
CA MET A 197 -10.37 -2.62 -5.96
C MET A 197 -9.12 -3.50 -5.99
N VAL A 198 -9.02 -4.40 -5.01
CA VAL A 198 -8.00 -5.41 -5.06
C VAL A 198 -8.60 -6.78 -4.78
N THR A 199 -8.11 -7.78 -5.51
CA THR A 199 -8.44 -9.19 -5.28
C THR A 199 -7.17 -10.06 -5.35
N PRO A 200 -7.22 -11.29 -4.77
CA PRO A 200 -6.01 -12.12 -4.71
C PRO A 200 -5.86 -12.98 -5.97
N LEU A 201 -4.63 -13.33 -6.32
CA LEU A 201 -4.35 -14.14 -7.50
C LEU A 201 -3.70 -15.45 -7.11
N PRO A 202 -3.74 -16.44 -8.03
CA PRO A 202 -3.00 -17.71 -7.87
C PRO A 202 -1.51 -17.49 -7.98
N ALA A 203 -0.74 -18.40 -7.40
CA ALA A 203 0.71 -18.32 -7.43
C ALA A 203 1.23 -18.16 -8.86
N ASN A 204 2.27 -17.34 -9.02
CA ASN A 204 2.91 -17.09 -10.29
C ASN A 204 4.42 -17.08 -10.04
N PRO A 205 5.08 -18.25 -10.24
CA PRO A 205 6.51 -18.53 -9.95
C PRO A 205 7.51 -17.56 -10.59
N LEU A 206 7.35 -17.29 -11.87
CA LEU A 206 8.13 -16.25 -12.53
C LEU A 206 8.06 -14.90 -11.78
N PHE A 207 6.85 -14.40 -11.54
CA PHE A 207 6.65 -13.15 -10.76
C PHE A 207 7.30 -13.24 -9.39
N ARG A 208 7.14 -14.38 -8.75
CA ARG A 208 7.76 -14.63 -7.46
C ARG A 208 9.28 -14.61 -7.50
N GLN A 209 9.87 -15.18 -8.55
CA GLN A 209 11.33 -15.22 -8.65
C GLN A 209 11.92 -13.85 -8.99
N ILE A 210 11.23 -13.12 -9.85
CA ILE A 210 11.63 -11.77 -10.16
C ILE A 210 11.61 -10.88 -8.91
N SER A 211 10.53 -10.99 -8.13
CA SER A 211 10.36 -10.21 -6.92
C SER A 211 11.41 -10.54 -5.88
N HIS A 212 11.85 -11.80 -5.89
CA HIS A 212 12.88 -12.27 -4.96
C HIS A 212 14.22 -11.69 -5.31
N ASP A 213 14.48 -11.62 -6.61
CA ASP A 213 15.73 -11.10 -7.13
C ASP A 213 15.83 -9.60 -6.90
N LEU A 214 14.75 -8.88 -7.21
CA LEU A 214 14.68 -7.45 -6.91
C LEU A 214 15.03 -7.16 -5.45
N ALA A 215 14.49 -7.98 -4.55
CA ALA A 215 14.69 -7.85 -3.12
C ALA A 215 16.11 -8.22 -2.73
N ALA A 216 16.53 -9.38 -3.23
CA ALA A 216 17.82 -9.96 -2.87
C ALA A 216 19.03 -9.16 -3.35
N ASN A 217 18.90 -8.48 -4.49
CA ASN A 217 19.99 -7.68 -5.00
C ASN A 217 20.13 -6.32 -4.36
N LEU A 218 19.16 -5.91 -3.56
CA LEU A 218 19.33 -4.68 -2.80
C LEU A 218 20.52 -4.75 -1.83
N PRO A 219 20.52 -5.68 -0.83
CA PRO A 219 19.52 -6.65 -0.36
C PRO A 219 18.48 -5.93 0.49
N LEU A 220 17.21 -6.33 0.41
CA LEU A 220 16.13 -5.67 1.16
C LEU A 220 16.08 -6.02 2.64
N LYS A 221 16.05 -5.00 3.50
CA LYS A 221 15.70 -5.25 4.89
C LYS A 221 14.58 -4.30 5.27
N GLY A 222 13.37 -4.85 5.27
CA GLY A 222 12.17 -4.03 5.27
C GLY A 222 11.18 -4.60 4.26
N ILE A 223 10.23 -3.76 3.83
CA ILE A 223 9.14 -4.18 2.94
C ILE A 223 9.18 -3.40 1.61
N MET A 224 9.04 -4.13 0.50
CA MET A 224 8.75 -3.52 -0.80
C MET A 224 7.63 -4.21 -1.57
N ASP A 225 6.92 -3.44 -2.37
CA ASP A 225 6.07 -4.10 -3.31
C ASP A 225 6.56 -3.90 -4.72
N VAL A 226 6.21 -4.90 -5.53
CA VAL A 226 6.55 -4.97 -6.93
C VAL A 226 5.21 -4.92 -7.66
N GLU A 227 5.05 -3.96 -8.58
CA GLU A 227 3.91 -3.99 -9.49
C GLU A 227 4.40 -4.40 -10.87
N ALA A 228 3.61 -5.23 -11.54
CA ALA A 228 3.90 -5.71 -12.88
C ALA A 228 2.63 -5.68 -13.74
N ILE A 229 2.80 -5.57 -15.05
CA ILE A 229 1.70 -5.75 -15.98
C ILE A 229 1.98 -7.04 -16.72
N PHE A 230 0.97 -7.88 -16.75
CA PHE A 230 1.02 -9.14 -17.47
C PHE A 230 0.64 -8.84 -18.92
N GLY A 231 1.64 -8.43 -19.70
CA GLY A 231 1.43 -7.89 -21.03
C GLY A 231 1.34 -8.92 -22.14
N PRO A 232 1.07 -8.47 -23.37
CA PRO A 232 0.95 -9.52 -24.36
C PRO A 232 2.30 -10.10 -24.78
N LYS A 233 3.40 -9.48 -24.41
CA LYS A 233 4.71 -10.05 -24.74
C LYS A 233 5.43 -10.45 -23.47
N GLY A 234 4.64 -10.78 -22.46
CA GLY A 234 5.17 -11.25 -21.19
C GLY A 234 5.09 -10.23 -20.06
N LEU A 235 5.60 -10.62 -18.92
CA LEU A 235 5.56 -9.80 -17.73
C LEU A 235 6.48 -8.58 -17.81
N ARG A 236 5.98 -7.45 -17.34
CA ARG A 236 6.79 -6.23 -17.31
C ARG A 236 6.61 -5.52 -15.99
N VAL A 237 7.67 -5.50 -15.20
CA VAL A 237 7.68 -4.78 -13.94
C VAL A 237 7.66 -3.29 -14.27
N ILE A 238 6.75 -2.55 -13.64
CA ILE A 238 6.59 -1.13 -13.96
C ILE A 238 7.08 -0.25 -12.82
N GLU A 239 7.02 -0.77 -11.60
CA GLU A 239 7.59 -0.04 -10.47
C GLU A 239 7.77 -0.92 -9.23
N ILE A 240 8.52 -0.39 -8.28
CA ILE A 240 8.63 -1.00 -6.98
C ILE A 240 8.38 0.12 -6.01
N ASP A 241 7.86 -0.19 -4.84
CA ASP A 241 7.70 0.86 -3.86
C ASP A 241 8.21 0.25 -2.52
N ALA A 242 9.35 0.73 -2.02
CA ALA A 242 9.90 0.18 -0.76
C ALA A 242 9.38 0.94 0.46
N ARG A 243 8.16 0.64 0.85
CA ARG A 243 7.51 1.33 1.95
C ARG A 243 6.25 0.56 2.20
N PHE A 244 5.64 0.76 3.35
CA PHE A 244 4.46 -0.01 3.64
C PHE A 244 3.27 0.38 2.76
N PRO A 245 2.71 -0.59 2.03
CA PRO A 245 1.68 -0.25 1.06
C PRO A 245 0.30 -0.25 1.69
N SER A 246 -0.65 0.37 1.00
CA SER A 246 -2.05 0.36 1.38
C SER A 246 -2.78 -0.57 0.43
N GLN A 247 -4.04 -0.84 0.77
CA GLN A 247 -4.95 -1.74 0.04
C GLN A 247 -4.57 -3.22 0.04
N THR A 248 -3.44 -3.55 -0.58
CA THR A 248 -3.09 -4.96 -0.80
C THR A 248 -2.78 -5.81 0.46
N PRO A 249 -2.22 -5.20 1.52
CA PRO A 249 -1.88 -6.08 2.64
C PRO A 249 -3.10 -6.66 3.35
N THR A 250 -4.21 -5.92 3.33
CA THR A 250 -5.47 -6.40 3.86
C THR A 250 -5.89 -7.67 3.11
N VAL A 251 -5.90 -7.58 1.78
CA VAL A 251 -6.24 -8.74 0.95
C VAL A 251 -5.23 -9.86 1.16
N VAL A 252 -3.95 -9.54 1.31
CA VAL A 252 -2.95 -10.58 1.57
C VAL A 252 -3.27 -11.29 2.89
N TYR A 253 -3.74 -10.50 3.85
CA TYR A 253 -4.10 -10.97 5.19
C TYR A 253 -5.20 -12.01 5.17
N TYR A 254 -6.34 -11.64 4.60
CA TYR A 254 -7.45 -12.57 4.49
C TYR A 254 -7.21 -13.76 3.55
N SER A 255 -6.50 -13.53 2.45
CA SER A 255 -6.32 -14.59 1.44
C SER A 255 -5.20 -15.53 1.81
N SER A 256 -4.19 -15.02 2.49
CA SER A 256 -3.00 -15.82 2.67
C SER A 256 -2.79 -16.16 4.13
N GLY A 257 -3.42 -15.40 5.01
CA GLY A 257 -3.25 -15.58 6.45
C GLY A 257 -2.02 -14.89 7.05
N ILE A 258 -1.26 -14.19 6.23
CA ILE A 258 -0.06 -13.52 6.71
C ILE A 258 -0.32 -12.03 6.94
N ASN A 259 0.08 -11.58 8.12
CA ASN A 259 0.03 -10.17 8.54
C ASN A 259 1.41 -9.52 8.27
N LEU A 260 1.45 -8.60 7.30
CA LEU A 260 2.72 -8.00 6.83
C LEU A 260 3.40 -7.15 7.89
N ILE A 261 2.61 -6.54 8.76
CA ILE A 261 3.12 -5.80 9.91
C ILE A 261 3.85 -6.76 10.85
N GLU A 262 3.19 -7.86 11.17
CA GLU A 262 3.87 -8.91 11.91
C GLU A 262 5.17 -9.34 11.22
N LEU A 263 5.10 -9.62 9.92
CA LEU A 263 6.27 -10.08 9.17
C LEU A 263 7.37 -9.01 9.14
N LEU A 264 6.95 -7.76 8.89
CA LEU A 264 7.89 -6.66 8.88
C LEU A 264 8.55 -6.53 10.24
N PHE A 265 7.78 -6.69 11.32
CA PHE A 265 8.34 -6.55 12.67
C PHE A 265 9.37 -7.65 12.92
N ARG A 266 9.05 -8.87 12.49
CA ARG A 266 9.99 -9.95 12.65
C ARG A 266 11.30 -9.75 11.89
N ALA A 267 11.22 -9.16 10.71
CA ALA A 267 12.38 -8.90 9.85
C ALA A 267 13.48 -8.09 10.56
N PHE A 268 13.09 -7.26 11.52
CA PHE A 268 14.03 -6.42 12.25
C PHE A 268 14.30 -6.95 13.67
N THR A 269 13.79 -8.14 13.97
CA THR A 269 14.01 -8.81 15.25
C THR A 269 14.50 -10.25 15.00
N ASP A 270 13.62 -11.24 15.14
CA ASP A 270 13.92 -12.63 14.80
C ASP A 270 14.63 -12.88 13.47
N GLY A 271 14.29 -12.14 12.44
CA GLY A 271 14.62 -12.54 11.09
C GLY A 271 13.39 -13.21 10.50
N VAL A 272 13.40 -13.44 9.20
CA VAL A 272 12.26 -13.96 8.49
C VAL A 272 12.68 -15.25 7.82
N GLU A 273 11.72 -16.08 7.42
CA GLU A 273 12.02 -17.26 6.62
C GLU A 273 11.41 -17.08 5.26
N GLU A 274 11.96 -17.78 4.27
CA GLU A 274 11.51 -17.60 2.89
C GLU A 274 10.28 -18.46 2.58
N ILE A 275 9.52 -18.01 1.57
CA ILE A 275 8.16 -18.45 1.14
C ILE A 275 6.92 -18.02 1.97
N GLU A 280 -2.91 -19.85 4.08
CA GLU A 280 -4.26 -20.17 3.63
C GLU A 280 -4.36 -19.91 2.15
N ASN A 281 -5.51 -20.28 1.60
CA ASN A 281 -5.84 -19.94 0.23
C ASN A 281 -7.31 -19.52 0.20
N LYS A 282 -7.61 -18.51 1.00
CA LYS A 282 -8.97 -17.98 1.06
C LYS A 282 -9.15 -16.83 0.08
N TYR A 283 -10.38 -16.37 -0.05
CA TYR A 283 -10.64 -15.33 -1.00
C TYR A 283 -11.11 -14.06 -0.31
N CYS A 284 -10.89 -12.92 -0.97
CA CYS A 284 -11.14 -11.63 -0.35
C CYS A 284 -11.39 -10.58 -1.41
N ILE A 285 -12.38 -9.74 -1.16
CA ILE A 285 -12.58 -8.63 -2.05
C ILE A 285 -12.45 -7.34 -1.28
N TYR A 286 -11.74 -6.39 -1.85
CA TYR A 286 -11.46 -5.16 -1.16
C TYR A 286 -11.73 -4.03 -2.12
N GLU A 287 -12.63 -3.11 -1.78
CA GLU A 287 -12.99 -2.03 -2.70
C GLU A 287 -13.42 -0.69 -2.05
N HIS A 288 -13.31 0.39 -2.81
CA HIS A 288 -13.83 1.68 -2.35
C HIS A 288 -15.03 2.12 -3.14
N LEU A 289 -16.05 2.58 -2.44
CA LEU A 289 -17.24 3.10 -3.08
C LEU A 289 -17.66 4.40 -2.45
N MET A 290 -17.72 5.46 -3.26
CA MET A 290 -18.20 6.77 -2.84
C MET A 290 -19.72 6.78 -2.75
N PHE A 291 -20.26 7.21 -1.62
CA PHE A 291 -21.69 7.48 -1.53
C PHE A 291 -22.00 8.78 -2.28
N GLY A 292 -22.50 8.67 -3.51
CA GLY A 292 -22.77 9.85 -4.32
C GLY A 292 -24.14 10.41 -4.03
N GLU A 293 -24.46 11.57 -4.61
CA GLU A 293 -25.80 12.15 -4.49
C GLU A 293 -26.94 11.13 -4.67
N ASN A 294 -27.91 11.17 -3.77
CA ASN A 294 -29.00 10.19 -3.72
C ASN A 294 -28.46 8.79 -3.46
N GLY A 295 -27.26 8.75 -2.90
CA GLY A 295 -26.64 7.49 -2.50
C GLY A 295 -26.46 6.46 -3.59
N VAL A 296 -26.23 6.95 -4.80
CA VAL A 296 -25.64 6.22 -5.88
C VAL A 296 -24.17 6.03 -5.53
N LEU A 297 -23.74 4.76 -5.59
CA LEU A 297 -22.39 4.31 -5.26
C LEU A 297 -21.49 4.28 -6.47
N ILE A 298 -20.30 4.86 -6.32
CA ILE A 298 -19.36 5.04 -7.40
C ILE A 298 -18.00 4.57 -6.92
N PRO A 299 -17.32 3.73 -7.73
CA PRO A 299 -16.00 3.33 -7.29
C PRO A 299 -15.03 4.48 -7.43
N VAL A 300 -14.19 4.61 -6.43
CA VAL A 300 -13.16 5.59 -6.46
C VAL A 300 -11.82 5.00 -6.09
N GLY A 301 -10.76 5.69 -6.50
CA GLY A 301 -9.42 5.31 -6.13
C GLY A 301 -8.99 5.99 -4.84
N GLU A 302 -7.82 5.57 -4.38
CA GLU A 302 -7.10 6.19 -3.29
C GLU A 302 -7.01 7.71 -3.36
N GLN A 303 -6.80 8.28 -4.54
CA GLN A 303 -6.71 9.73 -4.63
C GLN A 303 -7.93 10.44 -4.03
N VAL A 304 -9.08 9.78 -4.01
CA VAL A 304 -10.30 10.39 -3.47
C VAL A 304 -10.38 10.19 -1.96
N LEU A 305 -10.32 8.93 -1.55
CA LEU A 305 -10.30 8.53 -0.15
C LEU A 305 -9.31 9.41 0.61
N SER A 306 -8.21 9.77 -0.04
CA SER A 306 -7.18 10.54 0.62
C SER A 306 -7.50 12.04 0.74
N MET A 307 -8.53 12.50 0.03
CA MET A 307 -9.10 13.83 0.27
C MET A 307 -10.07 13.89 1.47
N GLY A 308 -10.28 12.77 2.16
CA GLY A 308 -11.28 12.70 3.23
C GLY A 308 -10.85 13.41 4.51
N SER A 309 -11.77 13.52 5.46
CA SER A 309 -11.47 14.27 6.68
C SER A 309 -11.42 13.42 7.95
N ASP A 310 -12.11 12.29 7.95
CA ASP A 310 -12.08 11.34 9.07
C ASP A 310 -12.34 9.92 8.54
N TYR A 311 -11.61 8.96 9.10
CA TYR A 311 -11.63 7.61 8.56
C TYR A 311 -11.63 6.62 9.70
N GLY A 312 -12.68 5.81 9.78
CA GLY A 312 -12.81 4.84 10.86
C GLY A 312 -13.77 3.74 10.48
N LYS A 313 -13.98 2.81 11.42
CA LYS A 313 -14.83 1.66 11.16
C LYS A 313 -16.29 2.03 11.15
N PHE A 314 -17.03 1.49 10.18
CA PHE A 314 -18.43 1.82 10.02
C PHE A 314 -19.30 0.65 10.43
N TYR A 315 -18.91 -0.55 10.03
CA TYR A 315 -19.76 -1.69 10.26
C TYR A 315 -18.92 -2.94 10.15
N GLU A 316 -19.30 -3.97 10.90
CA GLU A 316 -18.68 -5.26 10.77
C GLU A 316 -19.63 -6.40 11.15
N GLU A 317 -19.63 -7.44 10.31
CA GLU A 317 -20.23 -8.71 10.66
C GLU A 317 -19.32 -9.79 10.10
N PRO A 318 -19.63 -11.07 10.36
CA PRO A 318 -18.73 -12.11 9.87
C PRO A 318 -18.51 -12.01 8.37
N GLY A 319 -17.25 -11.95 7.96
CA GLY A 319 -16.88 -11.91 6.55
C GLY A 319 -17.00 -10.54 5.91
N ILE A 320 -17.30 -9.52 6.72
CA ILE A 320 -17.58 -8.18 6.22
C ILE A 320 -17.03 -7.08 7.12
N GLU A 321 -16.12 -6.28 6.58
CA GLU A 321 -15.75 -5.08 7.28
C GLU A 321 -16.03 -3.86 6.43
N ILE A 322 -16.54 -2.80 7.04
CA ILE A 322 -16.78 -1.58 6.30
C ILE A 322 -16.27 -0.39 7.11
N PHE A 323 -15.51 0.45 6.43
CA PHE A 323 -14.88 1.65 6.97
C PHE A 323 -15.41 2.86 6.22
N LEU A 324 -15.62 3.95 6.97
CA LEU A 324 -16.16 5.16 6.37
C LEU A 324 -15.11 6.22 6.38
N CYS A 325 -14.86 6.77 5.20
CA CYS A 325 -14.04 7.94 5.10
C CYS A 325 -15.01 9.11 4.91
N LYS A 326 -15.17 9.90 5.97
CA LYS A 326 -16.06 11.07 5.91
C LYS A 326 -15.44 12.21 5.09
N GLY A 327 -16.29 13.06 4.53
CA GLY A 327 -15.80 14.24 3.83
C GLY A 327 -16.76 14.71 2.77
N GLU A 328 -16.22 15.31 1.72
CA GLU A 328 -16.98 15.80 0.58
C GLU A 328 -17.40 14.56 -0.21
N TYR A 329 -18.62 14.10 0.06
CA TYR A 329 -19.06 12.73 -0.26
C TYR A 329 -18.26 11.64 0.42
N PRO A 330 -18.91 10.94 1.31
CA PRO A 330 -18.29 9.87 2.06
C PRO A 330 -17.79 8.76 1.13
N VAL A 331 -16.69 8.13 1.50
CA VAL A 331 -16.24 6.93 0.80
C VAL A 331 -16.29 5.76 1.76
N PHE A 332 -16.84 4.65 1.28
CA PHE A 332 -16.83 3.38 2.00
C PHE A 332 -15.74 2.48 1.46
N THR A 333 -14.93 1.92 2.37
CA THR A 333 -13.97 0.88 2.03
C THR A 333 -14.63 -0.40 2.50
N MET A 334 -14.89 -1.31 1.59
CA MET A 334 -15.48 -2.59 1.98
C MET A 334 -14.45 -3.70 1.89
N VAL A 335 -14.47 -4.60 2.86
CA VAL A 335 -13.63 -5.77 2.79
C VAL A 335 -14.52 -6.97 2.96
N PHE A 336 -14.48 -7.90 2.04
CA PHE A 336 -15.21 -9.14 2.23
C PHE A 336 -14.28 -10.31 2.12
N TRP A 337 -14.54 -11.36 2.88
CA TRP A 337 -13.74 -12.53 2.70
C TRP A 337 -14.48 -13.78 3.03
N GLY A 338 -13.92 -14.90 2.61
CA GLY A 338 -14.53 -16.21 2.80
C GLY A 338 -13.67 -17.33 2.21
N LYS A 339 -14.11 -18.57 2.35
CA LYS A 339 -13.30 -19.70 1.88
C LYS A 339 -13.04 -19.72 0.36
N ASP A 340 -13.95 -19.17 -0.42
CA ASP A 340 -13.78 -19.12 -1.87
C ASP A 340 -14.54 -17.96 -2.48
N ARG A 341 -14.35 -17.73 -3.77
CA ARG A 341 -14.99 -16.63 -4.49
C ARG A 341 -16.48 -16.60 -4.22
N GLU A 342 -17.09 -17.79 -4.09
CA GLU A 342 -18.53 -17.89 -3.93
C GLU A 342 -19.07 -17.27 -2.65
N GLU A 343 -18.52 -17.70 -1.52
CA GLU A 343 -18.95 -17.15 -0.27
C GLU A 343 -18.58 -15.67 -0.21
N THR A 344 -17.43 -15.31 -0.77
CA THR A 344 -16.97 -13.96 -0.63
C THR A 344 -17.97 -13.09 -1.35
N GLY A 345 -18.39 -13.57 -2.51
CA GLY A 345 -19.35 -12.85 -3.34
C GLY A 345 -20.66 -12.76 -2.60
N ALA A 346 -20.99 -13.81 -1.86
CA ALA A 346 -22.17 -13.78 -1.03
C ALA A 346 -22.07 -12.72 0.07
N LYS A 347 -20.90 -12.61 0.70
CA LYS A 347 -20.66 -11.55 1.69
C LYS A 347 -20.70 -10.17 1.07
N ARG A 348 -20.08 -10.04 -0.12
CA ARG A 348 -20.13 -8.79 -0.84
C ARG A 348 -21.59 -8.38 -1.01
N CYS A 349 -22.45 -9.33 -1.39
CA CYS A 349 -23.89 -9.04 -1.53
C CYS A 349 -24.55 -8.58 -0.23
N LYS A 350 -24.33 -9.33 0.84
CA LYS A 350 -24.86 -8.93 2.14
C LYS A 350 -24.40 -7.54 2.58
N GLY A 351 -23.11 -7.27 2.42
CA GLY A 351 -22.53 -5.96 2.70
C GLY A 351 -23.24 -4.85 1.93
N LEU A 352 -23.34 -5.01 0.61
CA LEU A 352 -23.95 -3.97 -0.21
C LEU A 352 -25.38 -3.75 0.25
N SER A 353 -26.05 -4.85 0.59
CA SER A 353 -27.44 -4.76 1.01
C SER A 353 -27.56 -4.12 2.39
N VAL A 354 -26.51 -4.20 3.20
CA VAL A 354 -26.49 -3.43 4.44
C VAL A 354 -26.53 -1.93 4.10
N LEU A 355 -25.59 -1.48 3.28
CA LEU A 355 -25.56 -0.11 2.82
C LEU A 355 -26.87 0.27 2.15
N LYS A 356 -27.41 -0.66 1.36
CA LYS A 356 -28.54 -0.32 0.52
C LYS A 356 -29.79 -0.15 1.39
N GLU A 357 -30.11 -1.17 2.18
CA GLU A 357 -31.37 -1.15 2.94
C GLU A 357 -31.41 -0.16 4.10
N ARG A 358 -30.24 0.11 4.68
CA ARG A 358 -30.13 0.83 5.94
C ARG A 358 -29.58 2.23 5.72
N PHE A 359 -28.79 2.42 4.68
CA PHE A 359 -28.08 3.69 4.53
C PHE A 359 -28.44 4.35 3.21
N GLY A 360 -29.48 3.82 2.56
CA GLY A 360 -30.01 4.39 1.32
C GLY A 360 -29.20 4.19 0.05
N ALA A 361 -28.15 3.39 0.13
CA ALA A 361 -27.31 3.21 -1.05
C ALA A 361 -28.01 2.44 -2.19
N VAL A 362 -27.49 2.65 -3.40
CA VAL A 362 -27.95 2.00 -4.62
C VAL A 362 -26.76 1.68 -5.54
N LEU A 363 -26.51 0.39 -5.77
CA LEU A 363 -25.48 -0.02 -6.72
C LEU A 363 -26.02 -1.08 -7.66
N ORD B . -2.43 1.25 -2.90
CA ORD B . -1.28 1.52 -3.80
CB ORD B . -1.00 0.29 -4.72
CG ORD B . -0.91 -1.01 -3.87
CD ORD B . -0.08 -2.11 -4.57
NE ORD B . 0.85 -2.69 -3.58
O ORD B . 0.09 2.05 -1.86
OXT ORD B . 1.02 2.10 -3.86
C ORD B . 0.02 1.91 -3.11
PG ANP C . 1.69 3.08 -6.75
O1G ANP C . 0.27 3.41 -6.06
O2G ANP C . 2.60 3.55 -5.67
O3G ANP C . 1.74 1.54 -7.23
PB ANP C . 2.61 4.84 -8.87
O1B ANP C . 1.84 6.07 -9.20
O2B ANP C . 3.94 5.39 -8.16
N3B ANP C . 1.34 4.01 -8.12
PA ANP C . 2.62 3.01 -11.35
O1A ANP C . 2.33 1.66 -10.76
O2A ANP C . 3.82 3.16 -12.27
O3A ANP C . 3.06 3.98 -10.15
O5' ANP C . 1.44 3.55 -12.33
C5' ANP C . 0.11 3.76 -11.90
C4' ANP C . -0.84 2.89 -12.71
O4' ANP C . -0.84 3.30 -14.08
C3' ANP C . -0.44 1.43 -12.71
O3' ANP C . -1.02 0.74 -11.60
C2' ANP C . -0.97 0.92 -14.04
O2' ANP C . -2.37 0.64 -14.00
C1' ANP C . -0.80 2.14 -14.92
N9 ANP C . 0.48 2.10 -15.66
C8 ANP C . 1.68 2.50 -15.21
N7 ANP C . 2.61 2.33 -16.18
C5 ANP C . 2.01 1.79 -17.26
C6 ANP C . 2.43 1.37 -18.62
N6 ANP C . 3.71 1.47 -19.05
N1 ANP C . 1.46 0.87 -19.43
C2 ANP C . 0.19 0.76 -19.03
N3 ANP C . -0.26 1.13 -17.81
C4 ANP C . 0.60 1.64 -16.90
MG MG D . 2.30 2.47 -9.02
MG MG E . 4.01 3.54 -7.30
PG ATP F . -0.62 15.66 2.58
O1G ATP F . -2.05 15.62 3.05
O2G ATP F . -0.45 16.04 1.11
O3G ATP F . 0.30 16.41 3.53
PB ATP F . 0.19 13.34 1.22
O1B ATP F . -1.14 12.98 0.59
O2B ATP F . 1.18 14.15 0.42
O3B ATP F . -0.11 14.13 2.60
PA ATP F . 2.31 11.98 2.47
O1A ATP F . 2.85 10.59 2.21
O2A ATP F . 3.12 13.19 2.08
O3A ATP F . 0.88 11.99 1.73
O5' ATP F . 1.99 12.08 4.04
C5' ATP F . 1.10 11.14 4.63
C4' ATP F . 0.84 11.53 6.08
O4' ATP F . 2.07 11.66 6.81
C3' ATP F . 0.14 12.88 6.14
O3' ATP F . -0.91 12.79 7.09
C2' ATP F . 1.22 13.82 6.62
O2' ATP F . 0.71 14.87 7.41
C1' ATP F . 2.10 12.91 7.46
N9 ATP F . 3.43 13.53 7.49
C8 ATP F . 4.16 13.85 6.41
N7 ATP F . 5.35 14.42 6.78
C5 ATP F . 5.36 14.48 8.12
C6 ATP F . 6.30 14.99 9.17
N6 ATP F . 7.48 15.54 8.82
N1 ATP F . 5.93 14.86 10.46
C2 ATP F . 4.74 14.31 10.82
N3 ATP F . 3.84 13.84 9.92
C4 ATP F . 4.09 13.90 8.59
#